data_3RBA
#
_entry.id   3RBA
#
_cell.length_a   99.224
_cell.length_b   99.224
_cell.length_c   115.852
_cell.angle_alpha   90.00
_cell.angle_beta   90.00
_cell.angle_gamma   120.00
#
_symmetry.space_group_name_H-M   'H 3 2'
#
loop_
_entity.id
_entity.type
_entity.pdbx_description
1 polymer 'Phosphopantetheine adenylyltransferase'
2 non-polymer 'DEPHOSPHO COENZYME A'
3 water water
#
_entity_poly.entity_id   1
_entity_poly.type   'polypeptide(L)'
_entity_poly.pdbx_seq_one_letter_code
;MTGAVCPGSFDPVTLGHVDIFERAAAQFDEVVVAILVNPAKTGMFDLDERIAMVKESTTHLPNLRVQVGHGLVVDFVRSC
GMTAIVKGLRTGTDFEYELQMAQMNKHIAGVDTFFVATAPRYSFVSSSLAKEVAMLGGDVSELLPEPVNRRLRDRLN
;
_entity_poly.pdbx_strand_id   A
#
loop_
_chem_comp.id
_chem_comp.type
_chem_comp.name
_chem_comp.formula
COD non-polymer 'DEPHOSPHO COENZYME A' 'C21 H35 N7 O13 P2 S'
#
# COMPACT_ATOMS: atom_id res chain seq x y z
N MET A 1 -3.64 13.55 -17.89
N MET A 1 -4.22 14.08 -17.45
CA MET A 1 -3.84 12.51 -16.89
CA MET A 1 -3.96 12.74 -16.92
C MET A 1 -3.10 12.82 -15.61
C MET A 1 -3.15 12.78 -15.62
N THR A 2 -3.82 13.18 -14.54
CA THR A 2 -3.21 13.23 -13.23
C THR A 2 -3.13 11.80 -12.73
N GLY A 3 -2.03 11.45 -12.09
CA GLY A 3 -1.85 10.09 -11.61
C GLY A 3 -0.94 9.97 -10.41
N ALA A 4 -1.21 8.96 -9.57
CA ALA A 4 -0.40 8.73 -8.39
C ALA A 4 -0.07 7.26 -8.26
N VAL A 5 1.10 6.97 -7.68
CA VAL A 5 1.47 5.62 -7.32
C VAL A 5 1.37 5.45 -5.80
N CYS A 6 0.74 4.36 -5.37
CA CYS A 6 0.67 4.02 -3.95
C CYS A 6 1.54 2.79 -3.70
N PRO A 7 2.79 3.00 -3.25
CA PRO A 7 3.73 1.90 -3.04
C PRO A 7 3.67 1.31 -1.63
N GLY A 8 4.06 0.04 -1.50
CA GLY A 8 4.07 -0.63 -0.21
C GLY A 8 4.35 -2.11 -0.37
N SER A 9 4.55 -2.81 0.75
CA SER A 9 4.71 -4.26 0.68
C SER A 9 3.35 -4.97 0.70
N PHE A 10 2.37 -4.33 1.33
CA PHE A 10 1.01 -4.87 1.43
C PHE A 10 1.00 -6.37 1.75
N ASP A 11 1.51 -6.71 2.93
CA ASP A 11 1.67 -8.09 3.33
C ASP A 11 1.06 -8.40 4.70
N PRO A 12 -0.26 -8.50 4.77
CA PRO A 12 -1.19 -8.28 3.66
C PRO A 12 -1.75 -6.87 3.64
N VAL A 13 -2.44 -6.55 2.55
CA VAL A 13 -3.19 -5.32 2.47
C VAL A 13 -4.23 -5.28 3.60
N THR A 14 -4.39 -4.12 4.23
CA THR A 14 -5.36 -3.93 5.29
C THR A 14 -6.45 -2.96 4.87
N LEU A 15 -7.48 -2.80 5.70
CA LEU A 15 -8.52 -1.81 5.43
C LEU A 15 -7.98 -0.38 5.51
N GLY A 16 -6.89 -0.19 6.25
CA GLY A 16 -6.21 1.11 6.27
C GLY A 16 -5.64 1.39 4.89
N HIS A 17 -5.04 0.39 4.28
CA HIS A 17 -4.48 0.55 2.93
C HIS A 17 -5.57 0.82 1.92
N VAL A 18 -6.64 0.06 2.00
CA VAL A 18 -7.74 0.22 1.04
C VAL A 18 -8.34 1.62 1.17
N ASP A 19 -8.44 2.12 2.39
CA ASP A 19 -8.88 3.50 2.62
C ASP A 19 -8.01 4.51 1.85
N ILE A 20 -6.70 4.37 1.96
CA ILE A 20 -5.79 5.23 1.19
C ILE A 20 -6.02 5.09 -0.31
N PHE A 21 -6.18 3.86 -0.81
CA PHE A 21 -6.40 3.64 -2.24
C PHE A 21 -7.64 4.39 -2.72
N GLU A 22 -8.72 4.29 -1.96
CA GLU A 22 -9.98 4.93 -2.29
C GLU A 22 -9.81 6.42 -2.33
N ARG A 23 -9.07 6.94 -1.35
CA ARG A 23 -8.91 8.38 -1.24
C ARG A 23 -8.01 8.93 -2.36
N ALA A 24 -7.00 8.17 -2.74
CA ALA A 24 -6.16 8.53 -3.87
C ALA A 24 -6.95 8.47 -5.18
N ALA A 25 -7.77 7.43 -5.31
CA ALA A 25 -8.52 7.23 -6.54
C ALA A 25 -9.57 8.33 -6.75
N ALA A 26 -9.98 8.94 -5.65
CA ALA A 26 -10.95 10.03 -5.71
C ALA A 26 -10.35 11.35 -6.23
N GLN A 27 -9.04 11.49 -6.11
CA GLN A 27 -8.39 12.78 -6.42
C GLN A 27 -7.48 12.76 -7.63
N PHE A 28 -7.08 11.58 -8.07
CA PHE A 28 -6.23 11.42 -9.25
C PHE A 28 -6.98 10.64 -10.33
N ASP A 29 -6.77 10.99 -11.60
CA ASP A 29 -7.43 10.29 -12.69
C ASP A 29 -7.04 8.82 -12.74
N GLU A 30 -5.78 8.54 -12.40
CA GLU A 30 -5.28 7.16 -12.36
C GLU A 30 -4.46 6.88 -11.10
N VAL A 31 -4.66 5.69 -10.52
CA VAL A 31 -3.85 5.26 -9.38
C VAL A 31 -3.24 3.89 -9.70
N VAL A 32 -1.97 3.74 -9.37
CA VAL A 32 -1.29 2.47 -9.53
C VAL A 32 -0.79 2.03 -8.18
N VAL A 33 -1.26 0.88 -7.71
CA VAL A 33 -0.72 0.30 -6.48
C VAL A 33 0.52 -0.50 -6.85
N ALA A 34 1.66 -0.11 -6.29
CA ALA A 34 2.93 -0.77 -6.58
C ALA A 34 3.36 -1.63 -5.42
N ILE A 35 3.38 -2.94 -5.64
CA ILE A 35 3.82 -3.87 -4.61
C ILE A 35 5.32 -4.09 -4.71
N LEU A 36 6.03 -3.61 -3.69
CA LEU A 36 7.47 -3.77 -3.62
C LEU A 36 7.77 -4.92 -2.66
N VAL A 37 8.25 -6.03 -3.22
CA VAL A 37 8.49 -7.24 -2.48
C VAL A 37 9.88 -7.26 -1.85
N ASN A 38 9.97 -7.76 -0.63
CA ASN A 38 11.27 -7.97 0.01
C ASN A 38 12.01 -9.11 -0.68
N PRO A 39 13.23 -8.83 -1.15
CA PRO A 39 14.06 -9.83 -1.84
C PRO A 39 14.41 -11.01 -0.94
N ALA A 40 14.74 -10.71 0.32
CA ALA A 40 15.21 -11.72 1.26
C ALA A 40 14.18 -12.82 1.50
N LYS A 41 12.93 -12.57 1.13
CA LYS A 41 11.85 -13.52 1.36
C LYS A 41 11.67 -13.74 2.87
N THR A 42 11.04 -12.76 3.51
CA THR A 42 10.78 -12.82 4.94
C THR A 42 9.30 -12.60 5.24
N GLY A 43 8.51 -12.43 4.18
CA GLY A 43 7.11 -12.06 4.33
C GLY A 43 6.18 -13.24 4.53
N MET A 44 4.95 -12.93 4.91
CA MET A 44 3.94 -13.95 5.15
C MET A 44 3.35 -14.48 3.85
N PHE A 45 2.92 -13.58 2.98
CA PHE A 45 2.30 -13.97 1.72
C PHE A 45 3.26 -13.77 0.57
N ASP A 46 3.23 -14.66 -0.41
CA ASP A 46 4.09 -14.45 -1.57
C ASP A 46 3.54 -13.33 -2.46
N LEU A 47 4.32 -12.94 -3.45
CA LEU A 47 3.97 -11.81 -4.31
C LEU A 47 2.65 -12.04 -5.04
N ASP A 48 2.46 -13.24 -5.58
CA ASP A 48 1.22 -13.56 -6.30
C ASP A 48 0.00 -13.41 -5.40
N GLU A 49 0.14 -13.85 -4.16
CA GLU A 49 -0.93 -13.74 -3.17
C GLU A 49 -1.19 -12.27 -2.82
N ARG A 50 -0.13 -11.48 -2.65
CA ARG A 50 -0.30 -10.07 -2.31
C ARG A 50 -1.01 -9.31 -3.44
N ILE A 51 -0.63 -9.61 -4.68
CA ILE A 51 -1.28 -8.98 -5.83
C ILE A 51 -2.77 -9.33 -5.85
N ALA A 52 -3.08 -10.61 -5.72
CA ALA A 52 -4.47 -11.05 -5.74
C ALA A 52 -5.29 -10.41 -4.63
N MET A 53 -4.71 -10.30 -3.44
CA MET A 53 -5.43 -9.70 -2.31
C MET A 53 -5.73 -8.22 -2.57
N VAL A 54 -4.78 -7.49 -3.12
CA VAL A 54 -5.03 -6.09 -3.47
C VAL A 54 -6.09 -5.98 -4.56
N LYS A 55 -5.94 -6.76 -5.62
CA LYS A 55 -6.90 -6.74 -6.73
C LYS A 55 -8.30 -7.08 -6.23
N GLU A 56 -8.41 -8.16 -5.45
CA GLU A 56 -9.70 -8.62 -4.96
C GLU A 56 -10.37 -7.61 -4.03
N SER A 57 -9.55 -6.80 -3.37
CA SER A 57 -10.03 -5.83 -2.39
C SER A 57 -10.28 -4.46 -3.01
N THR A 58 -10.03 -4.32 -4.30
CA THR A 58 -10.15 -3.00 -4.96
C THR A 58 -11.01 -3.05 -6.24
N THR A 59 -11.93 -4.01 -6.30
CA THR A 59 -12.76 -4.16 -7.49
C THR A 59 -13.72 -3.00 -7.68
N HIS A 60 -13.88 -2.17 -6.65
CA HIS A 60 -14.78 -1.03 -6.69
C HIS A 60 -14.10 0.26 -7.14
N LEU A 61 -12.81 0.16 -7.48
CA LEU A 61 -12.05 1.33 -7.92
C LEU A 61 -11.59 1.17 -9.37
N PRO A 62 -12.44 1.61 -10.33
CA PRO A 62 -12.21 1.44 -11.78
C PRO A 62 -10.94 2.10 -12.30
N ASN A 63 -10.49 3.18 -11.66
CA ASN A 63 -9.30 3.88 -12.11
C ASN A 63 -8.01 3.47 -11.40
N LEU A 64 -8.06 2.34 -10.71
CA LEU A 64 -6.91 1.82 -10.00
C LEU A 64 -6.41 0.53 -10.66
N ARG A 65 -5.10 0.42 -10.80
CA ARG A 65 -4.49 -0.82 -11.27
C ARG A 65 -3.40 -1.27 -10.31
N VAL A 66 -3.06 -2.56 -10.37
CA VAL A 66 -2.09 -3.14 -9.46
C VAL A 66 -0.90 -3.73 -10.22
N GLN A 67 0.31 -3.35 -9.80
CA GLN A 67 1.51 -3.79 -10.49
C GLN A 67 2.64 -4.07 -9.50
N VAL A 68 3.51 -5.01 -9.86
CA VAL A 68 4.69 -5.27 -9.05
C VAL A 68 5.74 -4.21 -9.33
N GLY A 69 6.29 -3.64 -8.26
CA GLY A 69 7.31 -2.62 -8.41
C GLY A 69 8.70 -3.21 -8.35
N HIS A 70 9.60 -2.65 -9.16
CA HIS A 70 10.99 -3.07 -9.21
C HIS A 70 11.88 -1.83 -9.14
N GLY A 71 12.99 -1.95 -8.41
CA GLY A 71 13.95 -0.86 -8.31
C GLY A 71 13.50 0.28 -7.41
N LEU A 72 14.06 1.47 -7.66
CA LEU A 72 13.65 2.65 -6.92
C LEU A 72 12.20 2.97 -7.22
N VAL A 73 11.45 3.34 -6.20
CA VAL A 73 10.06 3.70 -6.43
C VAL A 73 9.96 4.86 -7.41
N VAL A 74 10.88 5.81 -7.33
CA VAL A 74 10.84 6.94 -8.25
C VAL A 74 10.99 6.49 -9.71
N ASP A 75 11.80 5.45 -9.94
CA ASP A 75 11.95 4.95 -11.29
C ASP A 75 10.66 4.29 -11.75
N PHE A 76 9.99 3.59 -10.84
CA PHE A 76 8.71 2.98 -11.15
C PHE A 76 7.69 4.06 -11.46
N VAL A 77 7.65 5.09 -10.63
CA VAL A 77 6.72 6.20 -10.83
C VAL A 77 6.91 6.81 -12.20
N ARG A 78 8.16 7.10 -12.56
N ARG A 78 8.15 7.13 -12.54
CA ARG A 78 8.42 7.69 -13.88
CA ARG A 78 8.46 7.68 -13.86
C ARG A 78 8.14 6.73 -15.05
C ARG A 78 8.08 6.71 -14.99
N SER A 79 8.19 5.43 -14.77
N SER A 79 8.21 5.41 -14.75
CA SER A 79 7.84 4.44 -15.80
CA SER A 79 7.84 4.41 -15.76
C SER A 79 6.33 4.35 -15.98
C SER A 79 6.33 4.43 -16.02
N CYS A 80 5.58 4.86 -15.01
CA CYS A 80 4.12 4.94 -15.12
C CYS A 80 3.71 6.26 -15.76
N GLY A 81 4.68 7.13 -16.07
CA GLY A 81 4.37 8.44 -16.62
C GLY A 81 3.77 9.36 -15.58
N MET A 82 4.17 9.18 -14.34
CA MET A 82 3.65 9.96 -13.23
C MET A 82 4.77 10.68 -12.48
N THR A 83 4.40 11.61 -11.61
CA THR A 83 5.38 12.32 -10.79
C THR A 83 4.93 12.44 -9.35
N ALA A 84 3.94 11.62 -8.97
CA ALA A 84 3.44 11.66 -7.61
C ALA A 84 3.30 10.28 -6.97
N ILE A 85 3.70 10.23 -5.70
CA ILE A 85 3.54 9.08 -4.84
C ILE A 85 2.50 9.50 -3.81
N VAL A 86 1.63 8.57 -3.42
CA VAL A 86 0.68 8.85 -2.35
C VAL A 86 0.83 7.79 -1.26
N LYS A 87 0.94 8.24 -0.01
CA LYS A 87 1.14 7.36 1.13
C LYS A 87 0.31 7.83 2.32
N GLY A 88 -0.05 6.90 3.19
CA GLY A 88 -0.76 7.27 4.41
C GLY A 88 0.18 7.52 5.57
N LEU A 89 -0.25 8.37 6.49
CA LEU A 89 0.48 8.64 7.74
C LEU A 89 -0.43 8.44 8.93
N ARG A 90 0.06 7.78 9.96
CA ARG A 90 -0.70 7.60 11.20
C ARG A 90 -0.21 8.54 12.31
N THR A 91 1.09 8.75 12.39
CA THR A 91 1.65 9.48 13.53
C THR A 91 2.77 10.42 13.12
N GLY A 92 3.14 11.31 14.04
CA GLY A 92 4.23 12.23 13.80
C GLY A 92 5.52 11.48 13.57
N THR A 93 5.70 10.34 14.26
CA THR A 93 6.89 9.51 14.07
C THR A 93 6.96 8.95 12.65
N ASP A 94 5.81 8.47 12.14
CA ASP A 94 5.69 8.03 10.75
C ASP A 94 6.12 9.18 9.86
N PHE A 95 5.60 10.36 10.15
CA PHE A 95 5.89 11.50 9.29
C PHE A 95 7.38 11.78 9.19
N GLU A 96 8.07 11.78 10.32
CA GLU A 96 9.48 12.15 10.25
C GLU A 96 10.30 11.14 9.43
N TYR A 97 9.93 9.86 9.50
CA TYR A 97 10.55 8.84 8.68
C TYR A 97 10.22 9.03 7.18
N GLU A 98 8.95 9.23 6.89
CA GLU A 98 8.51 9.37 5.50
C GLU A 98 9.00 10.68 4.91
N LEU A 99 9.19 11.68 5.75
CA LEU A 99 9.67 12.97 5.29
C LEU A 99 11.03 12.79 4.63
N GLN A 100 11.90 12.02 5.29
CA GLN A 100 13.25 11.79 4.77
C GLN A 100 13.17 11.14 3.39
N MET A 101 12.30 10.13 3.27
CA MET A 101 12.20 9.38 2.01
C MET A 101 11.64 10.30 0.93
N ALA A 102 10.65 11.12 1.29
CA ALA A 102 10.02 11.99 0.32
C ALA A 102 11.01 13.03 -0.20
N GLN A 103 11.78 13.63 0.70
CA GLN A 103 12.77 14.64 0.29
C GLN A 103 13.86 14.00 -0.56
N MET A 104 14.26 12.78 -0.19
CA MET A 104 15.24 12.05 -1.00
C MET A 104 14.67 11.77 -2.39
N ASN A 105 13.43 11.29 -2.44
CA ASN A 105 12.80 10.97 -3.73
C ASN A 105 12.68 12.18 -4.63
N LYS A 106 12.39 13.33 -4.02
CA LYS A 106 12.27 14.57 -4.78
C LYS A 106 13.65 14.98 -5.28
N HIS A 107 14.65 14.83 -4.43
CA HIS A 107 16.01 15.19 -4.82
C HIS A 107 16.51 14.38 -6.01
N ILE A 108 16.32 13.07 -5.97
CA ILE A 108 16.91 12.21 -6.98
C ILE A 108 16.13 12.17 -8.29
N ALA A 109 14.82 12.42 -8.24
CA ALA A 109 14.01 12.24 -9.45
C ALA A 109 12.93 13.30 -9.70
N GLY A 110 12.79 14.25 -8.78
CA GLY A 110 11.79 15.30 -8.92
C GLY A 110 10.37 14.77 -8.73
N VAL A 111 10.27 13.57 -8.14
CA VAL A 111 8.97 12.95 -7.87
C VAL A 111 8.47 13.43 -6.51
N ASP A 112 7.23 13.92 -6.47
CA ASP A 112 6.66 14.46 -5.24
C ASP A 112 5.87 13.41 -4.48
N THR A 113 5.65 13.67 -3.19
CA THR A 113 4.89 12.74 -2.37
C THR A 113 3.77 13.49 -1.67
N PHE A 114 2.57 12.94 -1.79
CA PHE A 114 1.40 13.47 -1.11
C PHE A 114 0.97 12.49 -0.04
N PHE A 115 0.84 12.98 1.17
CA PHE A 115 0.47 12.14 2.30
C PHE A 115 -0.97 12.36 2.68
N VAL A 116 -1.65 11.31 3.10
CA VAL A 116 -2.98 11.50 3.66
C VAL A 116 -3.01 10.96 5.07
N ALA A 117 -3.77 11.63 5.96
CA ALA A 117 -3.88 11.18 7.35
C ALA A 117 -4.79 9.97 7.42
N THR A 118 -4.38 8.99 8.22
CA THR A 118 -5.16 7.78 8.44
C THR A 118 -6.59 8.14 8.83
N ALA A 119 -7.55 7.31 8.43
CA ALA A 119 -8.87 7.38 9.01
C ALA A 119 -8.74 7.04 10.49
N PRO A 120 -9.47 7.75 11.35
CA PRO A 120 -9.34 7.50 12.79
C PRO A 120 -9.53 6.02 13.16
N ARG A 121 -10.51 5.36 12.56
CA ARG A 121 -10.84 4.02 12.97
C ARG A 121 -9.76 2.99 12.61
N TYR A 122 -8.84 3.34 11.71
CA TYR A 122 -7.77 2.42 11.32
C TYR A 122 -6.38 2.86 11.79
N SER A 123 -6.35 3.79 12.72
CA SER A 123 -5.09 4.41 13.16
C SER A 123 -4.09 3.39 13.71
N PHE A 124 -4.59 2.31 14.31
CA PHE A 124 -3.73 1.32 14.95
C PHE A 124 -3.47 0.12 14.06
N VAL A 125 -4.03 0.14 12.85
CA VAL A 125 -3.91 -0.99 11.94
C VAL A 125 -2.63 -0.91 11.15
N SER A 126 -1.81 -1.96 11.27
CA SER A 126 -0.67 -2.16 10.39
C SER A 126 -0.66 -3.62 9.97
N SER A 127 -0.01 -3.91 8.84
CA SER A 127 0.14 -5.29 8.39
C SER A 127 0.89 -6.10 9.45
N SER A 128 1.95 -5.50 10.00
CA SER A 128 2.80 -6.18 10.96
C SER A 128 2.06 -6.56 12.23
N LEU A 129 1.30 -5.62 12.78
CA LEU A 129 0.61 -5.90 14.03
C LEU A 129 -0.54 -6.87 13.78
N ALA A 130 -1.24 -6.70 12.65
CA ALA A 130 -2.29 -7.63 12.29
C ALA A 130 -1.73 -9.05 12.20
N LYS A 131 -0.60 -9.22 11.53
CA LYS A 131 0.03 -10.54 11.42
C LYS A 131 0.46 -11.10 12.77
N GLU A 132 1.07 -10.25 13.60
CA GLU A 132 1.53 -10.69 14.92
C GLU A 132 0.37 -11.21 15.77
N VAL A 133 -0.73 -10.46 15.79
CA VAL A 133 -1.90 -10.85 16.54
C VAL A 133 -2.56 -12.09 15.95
N ALA A 134 -2.65 -12.13 14.62
CA ALA A 134 -3.22 -13.29 13.95
C ALA A 134 -2.42 -14.54 14.28
N MET A 135 -1.10 -14.42 14.26
CA MET A 135 -0.23 -15.57 14.51
C MET A 135 -0.39 -16.12 15.92
N LEU A 136 -0.92 -15.29 16.81
CA LEU A 136 -1.11 -15.67 18.20
C LEU A 136 -2.55 -16.01 18.54
N GLY A 137 -3.40 -16.06 17.51
CA GLY A 137 -4.77 -16.49 17.68
C GLY A 137 -5.81 -15.40 17.85
N GLY A 138 -5.37 -14.15 17.78
CA GLY A 138 -6.27 -13.02 17.89
C GLY A 138 -7.12 -12.82 16.64
N ASP A 139 -8.27 -12.19 16.81
CA ASP A 139 -9.18 -11.97 15.69
C ASP A 139 -9.06 -10.54 15.14
N VAL A 140 -8.48 -10.45 13.95
CA VAL A 140 -8.25 -9.15 13.31
C VAL A 140 -9.10 -9.00 12.05
N SER A 141 -10.14 -9.83 11.94
CA SER A 141 -10.97 -9.85 10.74
C SER A 141 -11.64 -8.52 10.43
N GLU A 142 -11.87 -7.69 11.46
CA GLU A 142 -12.53 -6.42 11.23
C GLU A 142 -11.57 -5.35 10.72
N LEU A 143 -10.29 -5.69 10.64
CA LEU A 143 -9.27 -4.73 10.25
C LEU A 143 -8.76 -4.99 8.84
N LEU A 144 -9.23 -6.09 8.25
CA LEU A 144 -8.73 -6.56 6.96
C LEU A 144 -9.89 -6.83 6.00
N PRO A 145 -9.64 -6.67 4.69
CA PRO A 145 -10.62 -7.00 3.66
C PRO A 145 -10.96 -8.47 3.70
N GLU A 146 -12.18 -8.83 3.32
CA GLU A 146 -12.57 -10.23 3.30
C GLU A 146 -11.64 -11.13 2.47
N PRO A 147 -11.13 -10.63 1.34
CA PRO A 147 -10.22 -11.48 0.56
C PRO A 147 -8.96 -11.86 1.35
N VAL A 148 -8.54 -10.98 2.25
CA VAL A 148 -7.40 -11.28 3.11
C VAL A 148 -7.84 -12.20 4.24
N ASN A 149 -9.00 -11.91 4.82
CA ASN A 149 -9.54 -12.77 5.89
C ASN A 149 -9.66 -14.22 5.44
N ARG A 150 -10.16 -14.43 4.24
CA ARG A 150 -10.31 -15.78 3.69
C ARG A 150 -8.98 -16.50 3.69
N ARG A 151 -7.94 -15.83 3.21
CA ARG A 151 -6.61 -16.43 3.09
C ARG A 151 -5.96 -16.66 4.45
N LEU A 152 -6.19 -15.74 5.37
CA LEU A 152 -5.64 -15.84 6.71
C LEU A 152 -6.24 -17.03 7.43
N ARG A 153 -7.55 -17.21 7.27
CA ARG A 153 -8.26 -18.28 7.95
C ARG A 153 -7.83 -19.64 7.40
N ASP A 154 -7.40 -19.66 6.14
CA ASP A 154 -6.96 -20.90 5.51
C ASP A 154 -5.58 -21.33 5.99
N ARG A 155 -4.76 -20.37 6.38
CA ARG A 155 -3.41 -20.67 6.85
C ARG A 155 -3.41 -21.19 8.29
N LEU A 156 -4.37 -20.74 9.08
CA LEU A 156 -4.46 -21.15 10.48
C LEU A 156 -5.37 -22.36 10.69
N ASN A 157 -6.14 -22.71 9.67
CA ASN A 157 -6.99 -23.90 9.73
C ASN A 157 -6.20 -25.17 9.47
N1 COD B . -3.70 4.37 7.66
C2 COD B . -3.02 5.13 6.78
N3 COD B . -1.89 4.73 6.16
C4 COD B . -1.37 3.51 6.45
C5 COD B . -2.04 2.63 7.41
C6 COD B . -3.28 3.15 8.03
N7 COD B . -3.95 2.38 8.93
N8 COD B . -1.32 1.51 7.50
C9 COD B . -0.28 1.63 6.66
N10 COD B . -0.31 2.84 6.06
C11 COD B . 0.65 3.35 5.07
C12 COD B . 2.04 3.34 5.66
O13 COD B . 2.29 4.55 6.38
C14 COD B . 2.88 3.28 4.42
O15 COD B . 3.11 4.65 4.06
C16 COD B . 1.98 2.62 3.37
O17 COD B . 0.69 2.49 3.96
C18 COD B . 2.42 1.22 2.97
O19 COD B . 2.55 0.42 4.14
P20 COD B . 3.62 -0.76 4.04
O21 COD B . 4.23 -1.02 5.41
O22 COD B . 2.92 -1.83 3.23
O23 COD B . 4.72 -0.09 3.08
P24 COD B . 6.29 0.05 3.45
O25 COD B . 6.44 1.17 4.45
O26 COD B . 6.82 -1.33 3.75
O27 COD B . 6.90 0.56 2.06
C28 COD B . 8.25 1.04 1.95
C29 COD B . 8.60 1.22 0.49
C30 COD B . 8.32 -0.07 -0.25
C31 COD B . 7.77 2.35 -0.11
C32 COD B . 10.08 1.55 0.39
O33 COD B . 10.83 0.48 0.96
C34 COD B . 10.53 1.75 -1.03
O35 COD B . 10.33 2.80 -1.61
N36 COD B . 11.17 0.73 -1.59
C37 COD B . 11.72 0.81 -2.94
C38 COD B . 13.20 1.19 -2.95
C39 COD B . 13.35 2.69 -2.80
O40 COD B . 12.72 3.48 -3.49
N41 COD B . 14.23 3.11 -1.90
C42 COD B . 14.54 4.52 -1.74
C43 COD B . 13.64 5.16 -0.69
S44 COD B . 14.00 6.94 -0.61
#